data_3AGA
#
_entry.id   3AGA
#
_cell.length_a   45.500
_cell.length_b   85.640
_cell.length_c   133.300
_cell.angle_alpha   90.00
_cell.angle_beta   90.00
_cell.angle_gamma   90.00
#
_symmetry.space_group_name_H-M   'P 21 21 21'
#
loop_
_entity.id
_entity.type
_entity.pdbx_description
1 polymer 'Red chlorophyll catabolite reductase, chloroplastic'
2 non-polymer '3-{(2Z,3S,4S)-5-[(Z)-(4-ethenyl-3-methyl-5-oxo-1,5-dihydro-2H-pyrrol-2-ylidene)methyl]-2-[(5R)-2-[(3-ethyl-5-formyl-4-methyl-1H-pyrrol-2-yl)methyl]-5-(methoxycarbonyl)-3-methyl-4-oxo-4,5-dihydrocyclopenta[b]pyrrol-6(1H)-ylidene]-4-methyl-3,4-dihydro-2H-pyrrol-3-yl}propanoic acid'
3 non-polymer 'SODIUM ION'
4 water water
#
_entity_poly.entity_id   1
_entity_poly.type   'polypeptide(L)'
_entity_poly.pdbx_seq_one_letter_code
;GPLGSRRKFMEFPYVSPTRKQLMVDLMSTVENRLQSQLLPCNLPPDVRNFNNPNGSAEASLHIRSGDKSSPIDFVIGSWI
HCKIPTGVSLNITSISGFLNSSTKAPNFVVELIQSSSKSLVLILDLPHRKDLVLNPDYLKEYYQDTALDSHRQSLLKLPE
VNPYVSPSLFVRSAFSPTASMLKIDAEEEDKLEEILRDHVSPAAKEVLEVWLERCVKEEEEKIVVGEEERMELERRDKSF
RRKSIEDDLDLQFPRMFGEEVSSRVVHAIKEAFGVL
;
_entity_poly.pdbx_strand_id   A,B
#
loop_
_chem_comp.id
_chem_comp.type
_chem_comp.name
_chem_comp.formula
NA non-polymer 'SODIUM ION' 'Na 1'
RCC non-polymer '3-{(2Z,3S,4S)-5-[(Z)-(4-ethenyl-3-methyl-5-oxo-1,5-dihydro-2H-pyrrol-2-ylidene)methyl]-2-[(5R)-2-[(3-ethyl-5-formyl-4-methyl-1H-pyrrol-2-yl)methyl]-5-(methoxycarbonyl)-3-methyl-4-oxo-4,5-dihydrocyclopenta[b]pyrrol-6(1H)-ylidene]-4-methyl-3,4-dihydro-2H-pyrrol-3-yl}propanoic acid' 'C35 H38 N4 O7'
#
# COMPACT_ATOMS: atom_id res chain seq x y z
N ARG A 6 17.72 -35.04 3.48
CA ARG A 6 18.15 -35.11 4.91
C ARG A 6 18.96 -33.87 5.29
N ARG A 7 18.59 -32.73 4.73
CA ARG A 7 19.27 -31.45 4.97
C ARG A 7 18.64 -30.62 6.09
N LYS A 8 19.50 -30.01 6.92
CA LYS A 8 19.07 -29.18 8.05
C LYS A 8 18.70 -27.78 7.59
N PHE A 9 17.93 -27.06 8.39
CA PHE A 9 17.54 -25.71 8.03
C PHE A 9 18.71 -24.81 7.65
N MET A 10 19.67 -24.67 8.56
CA MET A 10 20.83 -23.81 8.35
C MET A 10 21.82 -24.31 7.29
N GLU A 11 21.43 -25.33 6.52
CA GLU A 11 22.30 -25.85 5.48
C GLU A 11 22.06 -25.14 4.13
N PHE A 12 20.82 -24.70 3.90
CA PHE A 12 20.43 -24.01 2.67
C PHE A 12 21.14 -24.60 1.46
N PRO A 13 20.79 -25.84 1.10
CA PRO A 13 21.30 -26.68 0.02
C PRO A 13 21.32 -26.21 -1.44
N TYR A 14 20.16 -25.91 -1.99
CA TYR A 14 20.08 -25.55 -3.40
C TYR A 14 20.42 -24.14 -3.85
N VAL A 15 20.47 -23.16 -2.96
CA VAL A 15 20.79 -21.82 -3.42
C VAL A 15 22.30 -21.60 -3.51
N SER A 16 22.69 -20.37 -3.81
CA SER A 16 24.10 -20.01 -3.95
C SER A 16 24.77 -19.59 -2.64
N PRO A 17 26.12 -19.59 -2.59
CA PRO A 17 26.89 -19.21 -1.39
C PRO A 17 26.53 -17.85 -0.81
N THR A 18 26.42 -16.84 -1.67
CA THR A 18 26.08 -15.49 -1.23
C THR A 18 24.69 -15.41 -0.60
N ARG A 19 23.73 -16.06 -1.24
CA ARG A 19 22.35 -16.09 -0.76
C ARG A 19 22.32 -16.87 0.55
N LYS A 20 22.90 -18.07 0.52
CA LYS A 20 23.01 -18.96 1.67
C LYS A 20 23.68 -18.26 2.86
N GLN A 21 24.70 -17.45 2.60
CA GLN A 21 25.38 -16.77 3.69
C GLN A 21 24.54 -15.66 4.30
N LEU A 22 23.82 -14.93 3.45
CA LEU A 22 22.97 -13.86 3.93
C LEU A 22 21.86 -14.43 4.84
N MET A 23 21.29 -15.56 4.44
CA MET A 23 20.23 -16.17 5.23
C MET A 23 20.71 -16.70 6.56
N VAL A 24 21.98 -17.11 6.62
CA VAL A 24 22.54 -17.65 7.86
C VAL A 24 22.88 -16.51 8.82
N ASP A 25 23.55 -15.49 8.28
CA ASP A 25 23.93 -14.34 9.10
C ASP A 25 22.67 -13.82 9.76
N LEU A 26 21.66 -13.60 8.93
CA LEU A 26 20.36 -13.08 9.33
C LEU A 26 19.71 -13.88 10.46
N MET A 27 19.51 -15.17 10.26
CA MET A 27 18.87 -16.00 11.27
C MET A 27 19.65 -16.08 12.58
N SER A 28 20.97 -16.04 12.46
CA SER A 28 21.84 -16.12 13.62
C SER A 28 21.78 -14.85 14.45
N THR A 29 21.77 -13.70 13.78
CA THR A 29 21.69 -12.43 14.47
C THR A 29 20.44 -12.42 15.31
N VAL A 30 19.36 -12.95 14.76
CA VAL A 30 18.07 -13.03 15.42
C VAL A 30 18.15 -13.93 16.65
N GLU A 31 18.63 -15.14 16.43
CA GLU A 31 18.75 -16.08 17.51
C GLU A 31 19.69 -15.63 18.60
N ASN A 32 20.78 -14.98 18.23
CA ASN A 32 21.74 -14.48 19.22
C ASN A 32 21.21 -13.26 19.96
N ARG A 33 20.63 -12.32 19.21
CA ARG A 33 20.11 -11.10 19.79
C ARG A 33 18.81 -11.26 20.58
N LEU A 34 18.20 -12.43 20.50
CA LEU A 34 16.97 -12.66 21.24
C LEU A 34 17.06 -13.91 22.08
N GLN A 35 18.29 -14.27 22.45
CA GLN A 35 18.52 -15.45 23.27
C GLN A 35 17.61 -15.38 24.49
N SER A 36 17.66 -14.24 25.18
CA SER A 36 16.88 -13.99 26.38
C SER A 36 15.37 -14.22 26.30
N GLN A 37 14.78 -14.33 25.10
CA GLN A 37 13.34 -14.55 25.03
C GLN A 37 12.82 -15.53 23.99
N LEU A 38 13.71 -16.31 23.42
CA LEU A 38 13.31 -17.27 22.43
C LEU A 38 13.30 -18.64 23.06
N LEU A 39 12.22 -19.38 22.84
CA LEU A 39 12.10 -20.73 23.35
C LEU A 39 12.69 -21.63 22.27
N PRO A 40 13.25 -22.79 22.67
CA PRO A 40 13.82 -23.67 21.65
C PRO A 40 12.81 -24.34 20.71
N CYS A 41 13.25 -24.58 19.49
CA CYS A 41 12.43 -25.20 18.47
C CYS A 41 11.92 -26.56 18.98
N ASN A 42 10.60 -26.74 19.02
CA ASN A 42 10.05 -27.99 19.48
C ASN A 42 9.29 -28.65 18.35
N LEU A 43 9.76 -28.43 17.14
CA LEU A 43 9.12 -29.05 15.98
C LEU A 43 9.60 -30.50 15.80
N PRO A 44 8.67 -31.45 15.59
CA PRO A 44 9.07 -32.84 15.40
C PRO A 44 9.88 -32.98 14.10
N PRO A 45 10.81 -33.95 14.05
CA PRO A 45 11.66 -34.23 12.89
C PRO A 45 10.89 -34.19 11.58
N ASP A 46 9.65 -34.67 11.63
CA ASP A 46 8.75 -34.74 10.48
C ASP A 46 8.43 -33.37 9.89
N VAL A 47 8.50 -32.33 10.72
CA VAL A 47 8.18 -30.97 10.30
C VAL A 47 9.40 -30.07 10.09
N ARG A 48 10.47 -30.33 10.84
CA ARG A 48 11.71 -29.55 10.69
C ARG A 48 12.22 -29.70 9.26
N ASN A 49 12.15 -30.93 8.75
CA ASN A 49 12.60 -31.24 7.40
C ASN A 49 11.62 -32.22 6.80
N PHE A 50 11.21 -31.96 5.56
CA PHE A 50 10.26 -32.81 4.87
C PHE A 50 10.37 -32.63 3.35
N ASN A 51 9.80 -33.57 2.61
CA ASN A 51 9.83 -33.53 1.16
C ASN A 51 8.74 -34.39 0.57
N ASN A 52 8.48 -34.22 -0.73
CA ASN A 52 7.48 -35.03 -1.40
C ASN A 52 8.08 -36.41 -1.66
N PRO A 53 7.37 -37.48 -1.28
CA PRO A 53 7.86 -38.84 -1.48
C PRO A 53 8.53 -39.14 -2.83
N ASN A 54 8.14 -38.40 -3.88
CA ASN A 54 8.74 -38.59 -5.20
C ASN A 54 10.09 -37.88 -5.39
N GLY A 55 10.43 -36.97 -4.48
CA GLY A 55 11.70 -36.28 -4.58
C GLY A 55 11.69 -34.96 -5.33
N SER A 56 10.51 -34.52 -5.74
CA SER A 56 10.37 -33.27 -6.48
C SER A 56 10.48 -32.03 -5.60
N ALA A 57 10.05 -32.14 -4.34
CA ALA A 57 10.08 -31.01 -3.43
C ALA A 57 10.76 -31.36 -2.09
N GLU A 58 11.56 -30.44 -1.59
CA GLU A 58 12.29 -30.62 -0.33
C GLU A 58 12.19 -29.31 0.45
N ALA A 59 11.85 -29.39 1.74
CA ALA A 59 11.72 -28.19 2.55
C ALA A 59 12.22 -28.36 3.98
N SER A 60 12.54 -27.24 4.61
CA SER A 60 13.03 -27.21 5.97
C SER A 60 12.41 -26.05 6.75
N LEU A 61 11.84 -26.35 7.92
CA LEU A 61 11.23 -25.31 8.73
C LEU A 61 11.91 -25.15 10.07
N HIS A 62 11.86 -23.93 10.58
CA HIS A 62 12.49 -23.61 11.85
C HIS A 62 11.66 -22.56 12.60
N ILE A 63 10.94 -22.99 13.63
CA ILE A 63 10.10 -22.07 14.40
C ILE A 63 10.49 -22.01 15.88
N ARG A 64 10.74 -20.79 16.36
CA ARG A 64 11.11 -20.55 17.74
C ARG A 64 10.06 -19.63 18.33
N SER A 65 9.25 -20.18 19.21
CA SER A 65 8.21 -19.41 19.88
C SER A 65 8.85 -18.56 20.98
N GLY A 66 8.22 -17.44 21.30
CA GLY A 66 8.76 -16.57 22.34
C GLY A 66 8.20 -16.95 23.69
N ASP A 67 8.94 -16.65 24.75
CA ASP A 67 8.52 -16.95 26.11
C ASP A 67 7.44 -15.94 26.51
N LYS A 68 6.83 -16.14 27.67
CA LYS A 68 5.79 -15.24 28.18
C LYS A 68 6.49 -13.95 28.60
N SER A 69 5.74 -12.85 28.62
CA SER A 69 6.28 -11.54 28.99
C SER A 69 7.11 -10.98 27.83
N SER A 70 7.42 -11.85 26.88
CA SER A 70 8.19 -11.45 25.69
C SER A 70 7.18 -10.85 24.70
N PRO A 71 7.57 -9.76 23.99
CA PRO A 71 6.71 -9.10 23.01
C PRO A 71 6.64 -9.89 21.70
N ILE A 72 7.40 -10.98 21.66
CA ILE A 72 7.49 -11.85 20.51
C ILE A 72 6.50 -13.01 20.49
N ASP A 73 5.79 -13.14 19.38
CA ASP A 73 4.84 -14.22 19.18
C ASP A 73 5.74 -15.45 18.88
N PHE A 74 6.58 -15.31 17.86
CA PHE A 74 7.46 -16.38 17.45
C PHE A 74 8.20 -15.91 16.18
N VAL A 75 9.33 -16.56 15.89
CA VAL A 75 10.12 -16.27 14.69
C VAL A 75 10.15 -17.56 13.88
N ILE A 76 10.10 -17.43 12.57
CA ILE A 76 10.11 -18.61 11.72
C ILE A 76 11.07 -18.44 10.55
N GLY A 77 11.80 -19.50 10.24
CA GLY A 77 12.74 -19.48 9.13
C GLY A 77 12.44 -20.66 8.24
N SER A 78 12.64 -20.49 6.94
CA SER A 78 12.35 -21.58 6.03
C SER A 78 12.96 -21.47 4.67
N TRP A 79 13.00 -22.61 3.99
CA TRP A 79 13.48 -22.69 2.62
C TRP A 79 12.71 -23.81 1.96
N ILE A 80 12.22 -23.52 0.77
CA ILE A 80 11.45 -24.46 -0.02
C ILE A 80 12.16 -24.65 -1.37
N HIS A 81 12.51 -25.89 -1.68
CA HIS A 81 13.11 -26.19 -2.98
C HIS A 81 12.09 -27.06 -3.70
N CYS A 82 11.81 -26.74 -4.95
CA CYS A 82 10.82 -27.50 -5.70
C CYS A 82 11.22 -27.48 -7.17
N LYS A 83 11.03 -28.59 -7.86
CA LYS A 83 11.36 -28.65 -9.29
C LYS A 83 10.06 -28.74 -10.06
N ILE A 84 9.77 -27.66 -10.79
CA ILE A 84 8.55 -27.51 -11.58
C ILE A 84 8.51 -28.48 -12.77
N PRO A 85 7.31 -29.01 -13.12
CA PRO A 85 7.16 -29.94 -14.24
C PRO A 85 7.69 -29.36 -15.52
N THR A 86 8.05 -28.09 -15.46
CA THR A 86 8.60 -27.34 -16.56
C THR A 86 10.10 -27.67 -16.75
N GLY A 87 10.68 -28.34 -15.77
CA GLY A 87 12.09 -28.67 -15.81
C GLY A 87 12.90 -27.62 -15.09
N VAL A 88 12.19 -26.62 -14.55
CA VAL A 88 12.77 -25.51 -13.82
C VAL A 88 12.59 -25.68 -12.32
N SER A 89 13.45 -25.02 -11.53
CA SER A 89 13.40 -25.15 -10.09
C SER A 89 13.10 -23.88 -9.31
N LEU A 90 12.22 -24.01 -8.34
CA LEU A 90 11.80 -22.90 -7.48
C LEU A 90 12.49 -22.95 -6.13
N ASN A 91 13.10 -21.83 -5.72
CA ASN A 91 13.77 -21.76 -4.42
C ASN A 91 13.34 -20.52 -3.65
N ILE A 92 12.88 -20.72 -2.42
CA ILE A 92 12.44 -19.63 -1.55
C ILE A 92 13.11 -19.78 -0.21
N THR A 93 13.67 -18.68 0.29
CA THR A 93 14.29 -18.66 1.61
C THR A 93 13.67 -17.45 2.31
N SER A 94 13.32 -17.61 3.59
CA SER A 94 12.71 -16.51 4.31
C SER A 94 12.82 -16.57 5.81
N ILE A 95 12.70 -15.40 6.44
CA ILE A 95 12.74 -15.28 7.89
C ILE A 95 11.72 -14.22 8.28
N SER A 96 10.77 -14.60 9.12
CA SER A 96 9.77 -13.64 9.56
C SER A 96 9.77 -13.58 11.07
N GLY A 97 9.47 -12.39 11.57
CA GLY A 97 9.37 -12.16 13.00
C GLY A 97 7.96 -11.65 13.27
N PHE A 98 7.24 -12.31 14.15
CA PHE A 98 5.88 -11.89 14.46
C PHE A 98 5.78 -11.50 15.90
N LEU A 99 5.19 -10.35 16.17
CA LEU A 99 4.99 -9.88 17.54
C LEU A 99 3.55 -10.15 17.97
N ASN A 100 3.35 -10.35 19.26
CA ASN A 100 2.02 -10.59 19.80
C ASN A 100 1.33 -9.29 20.23
N SER A 101 0.09 -9.42 20.69
CA SER A 101 -0.74 -8.32 21.14
C SER A 101 -0.21 -7.51 22.34
N SER A 102 0.89 -7.95 22.93
CA SER A 102 1.41 -7.21 24.09
C SER A 102 2.14 -5.95 23.62
N THR A 103 2.12 -5.70 22.32
CA THR A 103 2.76 -4.54 21.70
C THR A 103 2.06 -4.22 20.37
N LYS A 104 2.26 -3.00 19.85
CA LYS A 104 1.62 -2.59 18.60
C LYS A 104 2.66 -2.49 17.49
N ALA A 105 3.92 -2.57 17.89
CA ALA A 105 5.05 -2.49 16.97
C ALA A 105 4.97 -3.42 15.76
N PRO A 106 5.57 -2.99 14.63
CA PRO A 106 5.65 -3.68 13.34
C PRO A 106 6.28 -5.08 13.42
N ASN A 107 5.99 -5.89 12.40
CA ASN A 107 6.55 -7.22 12.26
C ASN A 107 7.80 -7.12 11.39
N PHE A 108 8.39 -8.26 11.06
CA PHE A 108 9.59 -8.27 10.24
C PHE A 108 9.63 -9.44 9.27
N VAL A 109 9.98 -9.14 8.02
CA VAL A 109 10.07 -10.17 7.02
C VAL A 109 11.11 -9.90 5.95
N VAL A 110 11.78 -10.97 5.52
CA VAL A 110 12.76 -10.92 4.44
C VAL A 110 12.61 -12.25 3.72
N GLU A 111 12.42 -12.17 2.41
CA GLU A 111 12.26 -13.34 1.57
C GLU A 111 12.98 -13.15 0.25
N LEU A 112 13.58 -14.23 -0.24
CA LEU A 112 14.25 -14.24 -1.53
C LEU A 112 13.48 -15.32 -2.27
N ILE A 113 13.07 -14.99 -3.48
CA ILE A 113 12.30 -15.92 -4.29
C ILE A 113 12.84 -15.95 -5.71
N GLN A 114 13.26 -17.13 -6.14
CA GLN A 114 13.77 -17.28 -7.49
C GLN A 114 12.99 -18.42 -8.15
N SER A 115 11.93 -18.04 -8.86
CA SER A 115 11.06 -18.96 -9.57
C SER A 115 11.73 -19.43 -10.84
N SER A 116 12.08 -18.48 -11.70
CA SER A 116 12.74 -18.82 -12.94
C SER A 116 14.23 -18.54 -12.81
N SER A 117 14.92 -18.61 -13.94
CA SER A 117 16.35 -18.35 -13.99
C SER A 117 16.48 -16.94 -14.55
N LYS A 118 15.39 -16.17 -14.42
CA LYS A 118 15.39 -14.80 -14.92
C LYS A 118 15.58 -13.78 -13.80
N SER A 119 14.78 -13.89 -12.74
CA SER A 119 14.85 -12.92 -11.67
C SER A 119 14.68 -13.42 -10.23
N LEU A 120 15.43 -12.78 -9.34
CA LEU A 120 15.40 -13.07 -7.91
C LEU A 120 14.51 -11.98 -7.29
N VAL A 121 13.40 -12.38 -6.67
CA VAL A 121 12.51 -11.39 -6.05
C VAL A 121 12.86 -11.26 -4.57
N LEU A 122 13.03 -10.01 -4.13
CA LEU A 122 13.35 -9.71 -2.74
C LEU A 122 12.20 -8.98 -2.06
N ILE A 123 11.81 -9.47 -0.89
CA ILE A 123 10.75 -8.86 -0.10
C ILE A 123 11.37 -8.54 1.25
N LEU A 124 11.49 -7.25 1.55
CA LEU A 124 12.08 -6.82 2.81
C LEU A 124 11.22 -5.71 3.39
N ASP A 125 10.61 -6.00 4.53
CA ASP A 125 9.73 -5.02 5.13
C ASP A 125 9.46 -5.23 6.62
N LEU A 126 8.91 -4.18 7.22
CA LEU A 126 8.50 -4.15 8.61
C LEU A 126 6.98 -3.94 8.54
N PRO A 127 6.25 -5.01 8.19
CA PRO A 127 4.78 -4.99 8.04
C PRO A 127 4.05 -4.36 9.23
N HIS A 128 3.28 -3.31 8.93
CA HIS A 128 2.52 -2.56 9.92
C HIS A 128 1.38 -3.35 10.53
N ARG A 129 1.10 -3.09 11.80
CA ARG A 129 0.06 -3.83 12.47
C ARG A 129 -1.13 -2.98 12.92
N LYS A 130 -1.16 -1.74 12.46
CA LYS A 130 -2.26 -0.81 12.76
C LYS A 130 -2.56 -0.10 11.44
N ASP A 131 -3.83 0.24 11.22
CA ASP A 131 -4.24 0.92 10.00
C ASP A 131 -3.56 2.30 9.99
N LEU A 132 -2.78 2.58 8.95
CA LEU A 132 -2.02 3.83 8.85
C LEU A 132 -2.80 5.11 8.60
N VAL A 133 -3.93 5.01 7.93
CA VAL A 133 -4.72 6.20 7.65
C VAL A 133 -5.40 6.63 8.94
N LEU A 134 -5.83 5.65 9.72
CA LEU A 134 -6.52 5.91 10.97
C LEU A 134 -5.53 6.27 12.06
N ASN A 135 -4.32 5.71 11.99
CA ASN A 135 -3.35 5.98 13.02
C ASN A 135 -2.10 6.65 12.46
N PRO A 136 -2.22 7.90 12.01
CA PRO A 136 -1.08 8.64 11.45
C PRO A 136 0.16 8.70 12.34
N ASP A 137 -0.04 8.67 13.65
CA ASP A 137 1.10 8.72 14.55
C ASP A 137 1.87 7.42 14.51
N TYR A 138 1.17 6.32 14.24
CA TYR A 138 1.80 5.01 14.16
C TYR A 138 2.70 5.04 12.94
N LEU A 139 2.24 5.76 11.92
CA LEU A 139 2.95 5.91 10.67
C LEU A 139 4.20 6.77 10.88
N LYS A 140 4.08 7.80 11.72
CA LYS A 140 5.21 8.67 12.01
C LYS A 140 6.25 8.00 12.89
N GLU A 141 5.79 7.29 13.91
CA GLU A 141 6.70 6.62 14.84
C GLU A 141 7.58 5.56 14.19
N TYR A 142 6.95 4.59 13.53
CA TYR A 142 7.72 3.49 12.95
C TYR A 142 8.22 3.59 11.52
N TYR A 143 7.79 4.59 10.76
CA TYR A 143 8.24 4.69 9.39
C TYR A 143 8.95 6.00 9.01
N GLN A 144 8.32 7.15 9.25
CA GLN A 144 8.95 8.44 8.94
C GLN A 144 10.25 8.60 9.71
N ASP A 145 10.11 8.62 11.03
CA ASP A 145 11.23 8.78 11.96
C ASP A 145 12.43 7.90 11.61
N THR A 146 12.17 6.69 11.14
CA THR A 146 13.25 5.79 10.77
C THR A 146 13.79 6.18 9.40
N ALA A 147 14.64 5.32 8.84
CA ALA A 147 15.21 5.54 7.52
C ALA A 147 14.85 4.36 6.62
N LEU A 148 13.78 3.67 7.00
CA LEU A 148 13.36 2.49 6.26
C LEU A 148 13.17 2.71 4.77
N ASP A 149 12.69 3.88 4.38
CA ASP A 149 12.47 4.14 2.95
C ASP A 149 13.78 4.33 2.18
N SER A 150 14.84 4.71 2.89
CA SER A 150 16.16 4.93 2.26
C SER A 150 16.68 3.62 1.66
N HIS A 151 16.46 2.51 2.36
CA HIS A 151 16.91 1.22 1.87
C HIS A 151 16.23 0.90 0.56
N ARG A 152 14.96 1.29 0.44
CA ARG A 152 14.21 1.01 -0.77
C ARG A 152 14.71 1.81 -1.96
N GLN A 153 14.76 3.13 -1.83
CA GLN A 153 15.22 3.92 -2.97
C GLN A 153 16.71 3.74 -3.27
N SER A 154 17.48 3.40 -2.25
CA SER A 154 18.91 3.18 -2.43
C SER A 154 19.08 1.99 -3.36
N LEU A 155 18.46 0.88 -3.00
CA LEU A 155 18.54 -0.35 -3.76
C LEU A 155 17.94 -0.23 -5.14
N LEU A 156 17.03 0.72 -5.31
CA LEU A 156 16.37 0.91 -6.59
C LEU A 156 17.25 1.62 -7.62
N LYS A 157 18.20 2.42 -7.16
CA LYS A 157 19.07 3.13 -8.08
C LYS A 157 19.79 2.13 -8.98
N LEU A 158 20.24 1.02 -8.40
CA LEU A 158 20.94 -0.02 -9.15
C LEU A 158 20.12 -0.38 -10.40
N PRO A 159 20.73 -0.24 -11.61
CA PRO A 159 20.11 -0.53 -12.90
C PRO A 159 19.44 -1.89 -13.00
N GLU A 160 20.10 -2.91 -12.46
CA GLU A 160 19.57 -4.28 -12.47
C GLU A 160 18.38 -4.48 -11.53
N VAL A 161 18.13 -3.53 -10.64
CA VAL A 161 17.06 -3.62 -9.67
C VAL A 161 15.82 -2.83 -10.05
N ASN A 162 14.64 -3.42 -9.86
CA ASN A 162 13.39 -2.73 -10.21
C ASN A 162 12.22 -3.03 -9.29
N PRO A 163 11.17 -2.21 -9.37
CA PRO A 163 10.00 -2.43 -8.51
C PRO A 163 9.37 -3.79 -8.83
N TYR A 164 8.85 -4.45 -7.81
CA TYR A 164 8.19 -5.72 -8.00
C TYR A 164 6.77 -5.55 -7.47
N VAL A 165 5.78 -5.51 -8.38
CA VAL A 165 4.40 -5.36 -7.95
C VAL A 165 3.66 -6.69 -8.04
N SER A 166 3.30 -7.22 -6.89
CA SER A 166 2.64 -8.51 -6.75
C SER A 166 1.26 -8.69 -7.37
N PRO A 167 1.00 -9.88 -7.93
CA PRO A 167 -0.28 -10.22 -8.56
C PRO A 167 -1.40 -10.11 -7.53
N SER A 168 -1.05 -10.30 -6.27
CA SER A 168 -2.00 -10.26 -5.16
C SER A 168 -2.21 -8.89 -4.56
N LEU A 169 -3.46 -8.43 -4.54
CA LEU A 169 -3.78 -7.13 -3.97
C LEU A 169 -3.59 -7.18 -2.46
N PHE A 170 -3.92 -8.33 -1.89
CA PHE A 170 -3.76 -8.52 -0.46
C PHE A 170 -2.29 -8.26 -0.13
N VAL A 171 -1.41 -9.04 -0.73
CA VAL A 171 0.00 -8.86 -0.49
C VAL A 171 0.38 -7.39 -0.64
N ARG A 172 -0.15 -6.71 -1.65
CA ARG A 172 0.20 -5.30 -1.80
C ARG A 172 -0.17 -4.40 -0.64
N SER A 173 -1.27 -4.71 0.04
CA SER A 173 -1.74 -3.91 1.17
C SER A 173 -1.13 -4.31 2.53
N ALA A 174 -0.82 -5.59 2.65
CA ALA A 174 -0.25 -6.13 3.86
C ALA A 174 1.15 -5.60 4.14
N PHE A 175 1.74 -4.91 3.18
CA PHE A 175 3.08 -4.38 3.37
C PHE A 175 3.10 -2.90 3.60
N SER A 176 4.11 -2.43 4.33
CA SER A 176 4.25 -1.02 4.62
C SER A 176 4.66 -0.22 3.40
N PRO A 177 4.38 1.09 3.41
CA PRO A 177 4.75 1.93 2.28
C PRO A 177 6.24 2.05 2.11
N THR A 178 7.01 1.66 3.12
CA THR A 178 8.47 1.73 2.99
C THR A 178 9.08 0.40 2.54
N ALA A 179 8.27 -0.66 2.48
CA ALA A 179 8.76 -1.95 2.06
C ALA A 179 9.56 -1.87 0.77
N SER A 180 10.51 -2.79 0.64
CA SER A 180 11.33 -2.91 -0.56
C SER A 180 10.79 -4.18 -1.21
N MET A 181 10.05 -4.01 -2.29
CA MET A 181 9.46 -5.10 -3.04
C MET A 181 10.26 -5.07 -4.35
N LEU A 182 11.37 -5.81 -4.39
CA LEU A 182 12.20 -5.73 -5.57
C LEU A 182 12.40 -6.96 -6.44
N LYS A 183 12.51 -6.67 -7.73
CA LYS A 183 12.71 -7.63 -8.79
C LYS A 183 14.15 -7.39 -9.28
N ILE A 184 15.07 -8.26 -8.90
CA ILE A 184 16.47 -8.10 -9.33
C ILE A 184 16.72 -8.82 -10.66
N ASP A 185 17.23 -8.06 -11.63
CA ASP A 185 17.47 -8.55 -12.98
C ASP A 185 18.58 -9.54 -13.25
N ALA A 186 18.41 -10.19 -14.40
CA ALA A 186 19.30 -11.18 -15.01
C ALA A 186 19.87 -12.37 -14.22
N GLU A 187 20.54 -13.24 -14.97
CA GLU A 187 21.17 -14.43 -14.44
C GLU A 187 22.70 -14.26 -14.55
N GLU A 188 23.13 -13.01 -14.56
CA GLU A 188 24.56 -12.69 -14.62
C GLU A 188 25.14 -13.01 -13.25
N GLU A 189 25.00 -14.29 -12.87
CA GLU A 189 25.48 -14.80 -11.60
C GLU A 189 26.48 -13.87 -10.94
N ASP A 190 27.55 -13.58 -11.66
CA ASP A 190 28.63 -12.73 -11.19
C ASP A 190 28.21 -11.39 -10.56
N LYS A 191 27.26 -10.70 -11.16
CA LYS A 191 26.80 -9.42 -10.64
C LYS A 191 25.69 -9.57 -9.60
N LEU A 192 24.84 -10.58 -9.78
CA LEU A 192 23.77 -10.85 -8.85
C LEU A 192 24.39 -11.01 -7.46
N GLU A 193 25.32 -11.95 -7.36
CA GLU A 193 26.01 -12.23 -6.10
C GLU A 193 26.64 -11.01 -5.45
N GLU A 194 27.02 -10.04 -6.29
CA GLU A 194 27.61 -8.81 -5.79
C GLU A 194 26.54 -7.97 -5.10
N ILE A 195 25.41 -7.80 -5.76
CA ILE A 195 24.31 -7.01 -5.21
C ILE A 195 23.89 -7.50 -3.84
N LEU A 196 23.62 -8.80 -3.73
CA LEU A 196 23.20 -9.40 -2.47
C LEU A 196 24.24 -9.19 -1.40
N ARG A 197 25.48 -9.32 -1.83
CA ARG A 197 26.63 -9.20 -0.96
C ARG A 197 26.90 -7.76 -0.57
N ASP A 198 26.95 -6.88 -1.56
CA ASP A 198 27.27 -5.47 -1.35
C ASP A 198 26.11 -4.58 -0.99
N HIS A 199 24.89 -4.97 -1.38
CA HIS A 199 23.73 -4.14 -1.11
C HIS A 199 22.57 -4.73 -0.31
N VAL A 200 22.00 -5.83 -0.80
CA VAL A 200 20.87 -6.48 -0.12
C VAL A 200 21.20 -6.84 1.32
N SER A 201 22.31 -7.54 1.52
CA SER A 201 22.75 -7.94 2.86
C SER A 201 22.81 -6.78 3.84
N PRO A 202 23.55 -5.71 3.48
CA PRO A 202 23.62 -4.59 4.42
C PRO A 202 22.22 -4.02 4.66
N ALA A 203 21.45 -3.90 3.59
CA ALA A 203 20.10 -3.36 3.72
C ALA A 203 19.26 -4.20 4.69
N ALA A 204 19.23 -5.51 4.46
CA ALA A 204 18.46 -6.40 5.28
C ALA A 204 18.89 -6.40 6.75
N LYS A 205 20.19 -6.41 7.00
CA LYS A 205 20.73 -6.43 8.35
C LYS A 205 20.45 -5.11 9.08
N GLU A 206 20.26 -4.06 8.30
CA GLU A 206 19.98 -2.77 8.89
C GLU A 206 18.49 -2.72 9.23
N VAL A 207 17.69 -3.25 8.32
CA VAL A 207 16.25 -3.33 8.52
C VAL A 207 16.01 -4.17 9.78
N LEU A 208 16.58 -5.38 9.80
CA LEU A 208 16.43 -6.27 10.94
C LEU A 208 16.92 -5.57 12.17
N GLU A 209 17.92 -4.72 11.98
CA GLU A 209 18.49 -3.99 13.10
C GLU A 209 17.46 -3.03 13.68
N VAL A 210 16.74 -2.29 12.85
CA VAL A 210 15.72 -1.38 13.39
C VAL A 210 14.58 -2.17 14.06
N TRP A 211 14.30 -3.38 13.57
CA TRP A 211 13.22 -4.16 14.18
C TRP A 211 13.60 -4.53 15.60
N LEU A 212 14.81 -5.08 15.72
CA LEU A 212 15.35 -5.52 17.00
C LEU A 212 15.46 -4.42 18.03
N GLU A 213 15.91 -3.23 17.61
CA GLU A 213 16.09 -2.15 18.57
C GLU A 213 15.02 -1.07 18.63
N ARG A 214 13.95 -1.17 17.84
CA ARG A 214 12.95 -0.12 17.89
C ARG A 214 11.51 -0.63 17.91
N CYS A 215 11.33 -1.92 17.61
CA CYS A 215 9.99 -2.50 17.64
C CYS A 215 9.95 -3.53 18.76
N VAL A 216 11.00 -4.34 18.82
CA VAL A 216 11.17 -5.36 19.85
C VAL A 216 11.85 -4.75 21.08
N LYS A 217 13.06 -4.24 20.88
CA LYS A 217 13.90 -3.61 21.90
C LYS A 217 13.35 -3.53 23.31
N GLU A 218 14.19 -3.94 24.26
CA GLU A 218 13.83 -3.94 25.68
C GLU A 218 13.27 -2.59 26.15
N GLU A 219 14.13 -1.75 26.72
CA GLU A 219 13.78 -0.44 27.26
C GLU A 219 12.53 -0.63 28.15
N GLU A 220 11.77 0.44 28.38
CA GLU A 220 10.59 0.33 29.22
C GLU A 220 9.41 -0.31 28.48
N GLU A 221 9.50 -1.62 28.26
CA GLU A 221 8.43 -2.34 27.58
C GLU A 221 7.26 -2.47 28.54
N LYS A 222 7.24 -1.61 29.55
CA LYS A 222 6.19 -1.62 30.56
C LYS A 222 4.89 -1.05 30.03
N ILE A 223 4.90 -0.69 28.74
CA ILE A 223 3.74 -0.12 28.07
C ILE A 223 2.65 -1.16 27.77
N VAL A 224 1.55 -1.06 28.49
CA VAL A 224 0.44 -2.00 28.33
C VAL A 224 -0.51 -1.64 27.18
N VAL A 225 -0.71 -2.57 26.26
CA VAL A 225 -1.62 -2.34 25.16
C VAL A 225 -3.02 -2.27 25.77
N GLY A 226 -3.70 -1.14 25.55
CA GLY A 226 -5.04 -0.99 26.06
C GLY A 226 -5.94 -2.13 25.66
N GLU A 227 -7.01 -2.30 26.42
CA GLU A 227 -8.00 -3.35 26.19
C GLU A 227 -8.51 -3.49 24.75
N GLU A 228 -8.97 -2.39 24.17
CA GLU A 228 -9.54 -2.37 22.82
C GLU A 228 -8.49 -2.39 21.71
N GLU A 229 -7.33 -1.78 21.96
CA GLU A 229 -6.24 -1.76 20.99
C GLU A 229 -5.76 -3.20 20.87
N ARG A 230 -5.73 -3.88 22.01
CA ARG A 230 -5.30 -5.26 22.10
C ARG A 230 -6.20 -6.13 21.22
N MET A 231 -7.51 -5.92 21.31
CA MET A 231 -8.44 -6.70 20.51
C MET A 231 -8.31 -6.48 19.01
N GLU A 232 -8.04 -5.24 18.59
CA GLU A 232 -7.88 -4.93 17.18
C GLU A 232 -6.65 -5.64 16.62
N LEU A 233 -5.56 -5.63 17.38
CA LEU A 233 -4.33 -6.28 16.98
C LEU A 233 -4.59 -7.74 16.75
N GLU A 234 -5.33 -8.32 17.71
CA GLU A 234 -5.70 -9.71 17.71
C GLU A 234 -6.43 -10.04 16.43
N ARG A 235 -7.48 -9.27 16.16
CA ARG A 235 -8.28 -9.50 14.98
C ARG A 235 -7.52 -9.32 13.67
N ARG A 236 -6.75 -8.24 13.58
CA ARG A 236 -5.98 -7.97 12.36
C ARG A 236 -4.86 -9.00 12.13
N ASP A 237 -4.22 -9.46 13.21
CA ASP A 237 -3.18 -10.46 13.09
C ASP A 237 -3.80 -11.77 12.63
N LYS A 238 -5.01 -12.04 13.12
CA LYS A 238 -5.74 -13.26 12.76
C LYS A 238 -5.98 -13.22 11.28
N SER A 239 -6.66 -12.18 10.85
CA SER A 239 -7.01 -11.98 9.45
C SER A 239 -5.80 -12.14 8.53
N PHE A 240 -4.73 -11.45 8.87
CA PHE A 240 -3.51 -11.51 8.06
C PHE A 240 -2.93 -12.93 7.94
N ARG A 241 -2.70 -13.58 9.08
CA ARG A 241 -2.14 -14.92 9.10
C ARG A 241 -3.04 -15.89 8.34
N ARG A 242 -4.34 -15.78 8.60
CA ARG A 242 -5.36 -16.58 7.95
C ARG A 242 -5.17 -16.51 6.43
N LYS A 243 -5.28 -15.30 5.89
CA LYS A 243 -5.13 -15.06 4.45
C LYS A 243 -3.81 -15.57 3.94
N SER A 244 -2.74 -15.13 4.58
CA SER A 244 -1.38 -15.54 4.21
C SER A 244 -1.21 -17.04 4.06
N ILE A 245 -1.71 -17.82 5.02
CA ILE A 245 -1.57 -19.28 4.91
C ILE A 245 -2.48 -19.88 3.86
N GLU A 246 -3.76 -19.51 3.86
CA GLU A 246 -4.66 -20.09 2.88
C GLU A 246 -4.42 -19.64 1.43
N ASP A 247 -3.38 -18.84 1.23
CA ASP A 247 -3.03 -18.37 -0.10
C ASP A 247 -1.70 -19.00 -0.54
N ASP A 248 -0.71 -18.94 0.34
CA ASP A 248 0.61 -19.47 0.06
C ASP A 248 0.74 -20.96 0.28
N LEU A 249 0.13 -21.45 1.36
CA LEU A 249 0.19 -22.87 1.68
C LEU A 249 -1.00 -23.70 1.22
N ASP A 250 -2.20 -23.32 1.63
CA ASP A 250 -3.40 -24.08 1.26
C ASP A 250 -3.56 -24.39 -0.23
N LEU A 251 -3.08 -23.48 -1.08
CA LEU A 251 -3.17 -23.66 -2.52
C LEU A 251 -1.91 -24.22 -3.17
N GLN A 252 -0.78 -24.14 -2.47
CA GLN A 252 0.50 -24.59 -3.03
C GLN A 252 1.18 -25.79 -2.39
N PHE A 253 0.85 -26.12 -1.15
CA PHE A 253 1.50 -27.25 -0.50
C PHE A 253 1.05 -28.64 -0.92
N PRO A 254 -0.27 -28.91 -0.89
CA PRO A 254 -0.72 -30.25 -1.28
C PRO A 254 -0.11 -30.63 -2.62
N ARG A 255 0.15 -29.61 -3.44
CA ARG A 255 0.75 -29.79 -4.76
C ARG A 255 2.21 -30.18 -4.63
N MET A 256 3.00 -29.32 -3.98
CA MET A 256 4.43 -29.52 -3.82
C MET A 256 4.92 -30.77 -3.08
N PHE A 257 4.23 -31.15 -2.01
CA PHE A 257 4.69 -32.31 -1.23
C PHE A 257 3.68 -33.41 -1.05
N GLY A 258 2.53 -33.29 -1.70
CA GLY A 258 1.51 -34.31 -1.60
C GLY A 258 0.66 -34.15 -0.36
N GLU A 259 -0.63 -34.44 -0.48
CA GLU A 259 -1.58 -34.31 0.62
C GLU A 259 -1.06 -34.81 1.97
N GLU A 260 -0.38 -35.96 1.97
CA GLU A 260 0.16 -36.55 3.19
C GLU A 260 0.96 -35.59 4.05
N VAL A 261 2.01 -35.01 3.48
CA VAL A 261 2.88 -34.08 4.20
C VAL A 261 2.26 -32.71 4.42
N SER A 262 1.68 -32.11 3.39
CA SER A 262 1.07 -30.80 3.54
C SER A 262 0.25 -30.71 4.81
N SER A 263 -0.82 -31.49 4.89
CA SER A 263 -1.70 -31.49 6.04
C SER A 263 -0.93 -31.51 7.36
N ARG A 264 0.17 -32.27 7.38
CA ARG A 264 1.01 -32.37 8.59
C ARG A 264 1.73 -31.06 8.87
N VAL A 265 2.43 -30.54 7.87
CA VAL A 265 3.16 -29.31 8.06
C VAL A 265 2.24 -28.09 8.13
N VAL A 266 1.19 -28.09 7.33
CA VAL A 266 0.27 -26.96 7.37
C VAL A 266 -0.40 -26.92 8.75
N HIS A 267 -0.54 -28.10 9.35
CA HIS A 267 -1.17 -28.19 10.66
C HIS A 267 -0.23 -27.59 11.70
N ALA A 268 1.06 -27.93 11.60
CA ALA A 268 2.05 -27.42 12.54
C ALA A 268 2.17 -25.90 12.41
N ILE A 269 2.20 -25.41 11.17
CA ILE A 269 2.27 -23.99 10.91
C ILE A 269 1.02 -23.28 11.43
N LYS A 270 -0.16 -23.73 11.02
CA LYS A 270 -1.40 -23.10 11.49
C LYS A 270 -1.44 -23.05 13.02
N GLU A 271 -0.80 -24.02 13.67
CA GLU A 271 -0.75 -24.05 15.12
C GLU A 271 0.18 -22.97 15.68
N ALA A 272 1.35 -22.82 15.07
CA ALA A 272 2.33 -21.81 15.51
C ALA A 272 1.80 -20.40 15.24
N PHE A 273 0.99 -20.27 14.20
CA PHE A 273 0.40 -18.99 13.84
C PHE A 273 -0.87 -18.81 14.65
N GLY A 274 -1.27 -19.87 15.35
CA GLY A 274 -2.44 -19.82 16.19
C GLY A 274 -3.74 -19.57 15.43
N VAL A 275 -3.97 -20.32 14.35
CA VAL A 275 -5.16 -20.09 13.59
C VAL A 275 -6.24 -21.17 13.47
N LEU A 276 -7.45 -20.62 13.40
CA LEU A 276 -8.77 -21.25 13.26
C LEU A 276 -9.68 -20.08 13.63
N LYS B 8 -18.97 28.81 -12.39
CA LYS B 8 -18.47 27.57 -13.05
C LYS B 8 -16.97 27.65 -13.38
N PHE B 9 -16.20 26.73 -12.79
CA PHE B 9 -14.76 26.64 -12.97
C PHE B 9 -14.46 25.80 -14.22
N MET B 10 -15.52 25.42 -14.93
CA MET B 10 -15.44 24.60 -16.13
C MET B 10 -14.64 25.27 -17.26
N GLU B 11 -14.01 26.39 -16.95
CA GLU B 11 -13.25 27.13 -17.95
C GLU B 11 -11.85 26.55 -18.15
N PHE B 12 -11.26 26.04 -17.07
CA PHE B 12 -9.92 25.45 -17.13
C PHE B 12 -9.05 26.26 -18.08
N PRO B 13 -8.79 27.53 -17.72
CA PRO B 13 -8.01 28.53 -18.44
C PRO B 13 -6.60 28.16 -18.89
N TYR B 14 -5.72 27.95 -17.91
CA TYR B 14 -4.31 27.66 -18.14
C TYR B 14 -3.90 26.27 -18.64
N VAL B 15 -4.81 25.30 -18.56
CA VAL B 15 -4.50 23.94 -19.02
C VAL B 15 -4.54 23.85 -20.55
N SER B 16 -4.12 22.71 -21.08
CA SER B 16 -4.12 22.48 -22.53
C SER B 16 -5.52 22.06 -22.94
N PRO B 17 -5.85 22.17 -24.24
CA PRO B 17 -7.20 21.80 -24.70
C PRO B 17 -7.57 20.35 -24.38
N THR B 18 -6.64 19.44 -24.63
CA THR B 18 -6.85 18.01 -24.38
C THR B 18 -7.13 17.78 -22.88
N ARG B 19 -6.27 18.32 -22.04
CA ARG B 19 -6.40 18.20 -20.59
C ARG B 19 -7.70 18.85 -20.17
N LYS B 20 -7.87 20.10 -20.57
CA LYS B 20 -9.06 20.88 -20.29
C LYS B 20 -10.32 20.12 -20.69
N GLN B 21 -10.22 19.35 -21.77
CA GLN B 21 -11.36 18.58 -22.27
C GLN B 21 -11.69 17.38 -21.40
N LEU B 22 -10.68 16.70 -20.89
CA LEU B 22 -10.90 15.54 -20.04
C LEU B 22 -11.63 15.98 -18.77
N MET B 23 -11.14 17.04 -18.17
CA MET B 23 -11.75 17.56 -16.94
C MET B 23 -13.23 17.81 -17.10
N VAL B 24 -13.63 18.33 -18.26
CA VAL B 24 -15.03 18.62 -18.54
C VAL B 24 -15.88 17.38 -18.71
N ASP B 25 -15.45 16.46 -19.60
CA ASP B 25 -16.19 15.23 -19.81
C ASP B 25 -16.42 14.58 -18.46
N LEU B 26 -15.32 14.42 -17.73
CA LEU B 26 -15.32 13.81 -16.41
C LEU B 26 -16.30 14.52 -15.48
N MET B 27 -16.08 15.81 -15.22
CA MET B 27 -16.96 16.54 -14.34
C MET B 27 -18.42 16.41 -14.74
N SER B 28 -18.69 16.59 -16.04
CA SER B 28 -20.05 16.50 -16.59
C SER B 28 -20.71 15.18 -16.25
N THR B 29 -20.06 14.09 -16.63
CA THR B 29 -20.57 12.77 -16.36
C THR B 29 -21.01 12.73 -14.90
N VAL B 30 -20.14 13.25 -14.04
CA VAL B 30 -20.40 13.29 -12.60
C VAL B 30 -21.72 13.96 -12.26
N GLU B 31 -21.84 15.23 -12.62
CA GLU B 31 -23.02 16.03 -12.34
C GLU B 31 -24.28 15.46 -13.01
N ASN B 32 -24.10 14.85 -14.18
CA ASN B 32 -25.24 14.29 -14.88
C ASN B 32 -25.70 13.00 -14.25
N ARG B 33 -24.87 11.97 -14.34
CA ARG B 33 -25.20 10.67 -13.76
C ARG B 33 -25.63 10.76 -12.31
N LEU B 34 -25.48 11.94 -11.72
CA LEU B 34 -25.84 12.11 -10.31
C LEU B 34 -26.78 13.25 -9.94
N GLN B 35 -27.34 13.94 -10.93
CA GLN B 35 -28.26 15.05 -10.65
C GLN B 35 -29.25 14.69 -9.55
N SER B 36 -29.88 13.54 -9.72
CA SER B 36 -30.89 13.04 -8.78
C SER B 36 -30.45 12.99 -7.33
N GLN B 37 -29.16 13.13 -7.07
CA GLN B 37 -28.65 13.05 -5.70
C GLN B 37 -27.70 14.17 -5.26
N LEU B 38 -27.40 15.09 -6.16
CA LEU B 38 -26.50 16.19 -5.86
C LEU B 38 -27.27 17.49 -5.63
N LEU B 39 -26.81 18.27 -4.65
CA LEU B 39 -27.40 19.56 -4.32
C LEU B 39 -26.66 20.68 -5.07
N PRO B 40 -27.23 21.89 -5.08
CA PRO B 40 -26.62 23.04 -5.76
C PRO B 40 -25.31 23.47 -5.12
N CYS B 41 -24.42 24.07 -5.91
CA CYS B 41 -23.17 24.56 -5.36
C CYS B 41 -23.60 25.77 -4.51
N ASN B 42 -23.34 25.72 -3.20
CA ASN B 42 -23.71 26.80 -2.31
C ASN B 42 -22.51 27.54 -1.75
N LEU B 43 -21.46 27.68 -2.55
CA LEU B 43 -20.28 28.40 -2.08
C LEU B 43 -20.37 29.85 -2.48
N PRO B 44 -19.85 30.75 -1.62
CA PRO B 44 -19.88 32.18 -1.93
C PRO B 44 -19.04 32.40 -3.18
N PRO B 45 -19.42 33.36 -4.02
CA PRO B 45 -18.62 33.58 -5.23
C PRO B 45 -17.18 33.88 -4.83
N ASP B 46 -17.04 34.28 -3.58
CA ASP B 46 -15.74 34.61 -3.00
C ASP B 46 -14.87 33.36 -2.83
N VAL B 47 -15.49 32.19 -2.92
CA VAL B 47 -14.77 30.93 -2.78
C VAL B 47 -14.77 30.11 -4.07
N ARG B 48 -15.81 30.25 -4.87
CA ARG B 48 -15.92 29.52 -6.13
C ARG B 48 -14.82 29.97 -7.08
N ASN B 49 -14.23 31.11 -6.77
CA ASN B 49 -13.16 31.68 -7.56
C ASN B 49 -12.39 32.64 -6.66
N PHE B 50 -11.08 32.47 -6.61
CA PHE B 50 -10.23 33.31 -5.78
C PHE B 50 -8.83 33.34 -6.33
N ASN B 51 -8.07 34.37 -5.97
CA ASN B 51 -6.71 34.53 -6.44
C ASN B 51 -5.85 35.29 -5.44
N ASN B 52 -4.58 35.43 -5.78
CA ASN B 52 -3.63 36.14 -4.93
C ASN B 52 -3.71 37.61 -5.28
N PRO B 53 -3.69 38.50 -4.27
CA PRO B 53 -3.75 39.94 -4.50
C PRO B 53 -2.82 40.39 -5.62
N ASN B 54 -1.58 39.92 -5.58
CA ASN B 54 -0.59 40.28 -6.59
C ASN B 54 -0.77 39.58 -7.93
N GLY B 55 -1.73 38.66 -8.01
CA GLY B 55 -1.98 37.96 -9.27
C GLY B 55 -1.01 36.85 -9.65
N SER B 56 -0.29 36.32 -8.67
CA SER B 56 0.67 35.25 -8.94
C SER B 56 0.00 33.87 -8.95
N ALA B 57 -1.25 33.81 -8.47
CA ALA B 57 -1.99 32.57 -8.42
C ALA B 57 -3.50 32.76 -8.49
N GLU B 58 -4.16 31.95 -9.30
CA GLU B 58 -5.61 32.02 -9.43
C GLU B 58 -6.16 30.60 -9.33
N ALA B 59 -7.39 30.48 -8.82
CA ALA B 59 -8.01 29.17 -8.69
C ALA B 59 -9.53 29.26 -8.69
N SER B 60 -10.16 28.10 -8.84
CA SER B 60 -11.60 28.02 -8.85
C SER B 60 -12.03 26.72 -8.18
N LEU B 61 -13.09 26.79 -7.38
CA LEU B 61 -13.59 25.65 -6.66
C LEU B 61 -15.05 25.39 -7.01
N HIS B 62 -15.44 24.12 -6.98
CA HIS B 62 -16.81 23.72 -7.25
C HIS B 62 -17.14 22.56 -6.34
N ILE B 63 -18.12 22.77 -5.47
CA ILE B 63 -18.50 21.75 -4.51
C ILE B 63 -20.01 21.54 -4.41
N ARG B 64 -20.44 20.33 -4.78
CA ARG B 64 -21.84 19.95 -4.73
C ARG B 64 -22.00 18.89 -3.63
N SER B 65 -22.76 19.20 -2.59
CA SER B 65 -22.97 18.22 -1.53
C SER B 65 -24.08 17.24 -1.90
N GLY B 66 -24.06 16.06 -1.31
CA GLY B 66 -25.09 15.07 -1.61
C GLY B 66 -26.33 15.28 -0.76
N ASP B 67 -27.47 14.84 -1.26
CA ASP B 67 -28.73 14.95 -0.53
C ASP B 67 -28.67 13.89 0.56
N LYS B 68 -29.59 13.91 1.51
CA LYS B 68 -29.57 12.87 2.52
C LYS B 68 -30.24 11.64 1.92
N SER B 69 -29.98 10.48 2.53
CA SER B 69 -30.50 9.21 2.04
C SER B 69 -29.53 8.79 0.94
N SER B 70 -28.87 9.78 0.36
CA SER B 70 -27.88 9.57 -0.68
C SER B 70 -26.59 9.05 -0.06
N PRO B 71 -25.87 8.17 -0.76
CA PRO B 71 -24.63 7.61 -0.27
C PRO B 71 -23.49 8.63 -0.31
N ILE B 72 -23.72 9.74 -1.01
CA ILE B 72 -22.72 10.78 -1.17
C ILE B 72 -22.62 11.77 -0.02
N ASP B 73 -21.37 12.12 0.31
CA ASP B 73 -21.08 13.09 1.35
C ASP B 73 -21.05 14.41 0.57
N PHE B 74 -20.25 14.44 -0.50
CA PHE B 74 -20.12 15.61 -1.36
C PHE B 74 -19.10 15.30 -2.46
N VAL B 75 -19.10 16.13 -3.50
CA VAL B 75 -18.17 15.99 -4.62
C VAL B 75 -17.44 17.32 -4.77
N ILE B 76 -16.22 17.27 -5.31
CA ILE B 76 -15.45 18.51 -5.44
C ILE B 76 -14.58 18.53 -6.69
N GLY B 77 -14.61 19.65 -7.38
CA GLY B 77 -13.79 19.81 -8.57
C GLY B 77 -13.00 21.08 -8.41
N SER B 78 -11.82 21.15 -9.02
CA SER B 78 -11.03 22.35 -8.89
C SER B 78 -9.80 22.42 -9.78
N TRP B 79 -9.28 23.64 -9.91
CA TRP B 79 -8.05 23.87 -10.65
C TRP B 79 -7.29 25.00 -9.95
N ILE B 80 -6.02 24.75 -9.68
CA ILE B 80 -5.13 25.69 -9.02
C ILE B 80 -4.01 26.08 -9.95
N HIS B 81 -4.02 27.34 -10.38
CA HIS B 81 -3.00 27.85 -11.26
C HIS B 81 -2.09 28.76 -10.44
N CYS B 82 -0.78 28.51 -10.47
CA CYS B 82 0.16 29.33 -9.74
C CYS B 82 1.40 29.69 -10.54
N LYS B 83 2.09 30.74 -10.09
CA LYS B 83 3.30 31.22 -10.74
C LYS B 83 4.48 31.13 -9.77
N ILE B 84 5.30 30.10 -9.92
CA ILE B 84 6.46 29.89 -9.07
C ILE B 84 7.47 31.03 -9.23
N PRO B 85 7.97 31.59 -8.11
CA PRO B 85 8.95 32.68 -8.16
C PRO B 85 10.18 32.33 -8.95
N THR B 86 10.24 31.08 -9.43
CA THR B 86 11.36 30.60 -10.23
C THR B 86 11.01 30.74 -11.72
N GLY B 87 9.91 31.43 -12.00
CA GLY B 87 9.49 31.64 -13.37
C GLY B 87 8.66 30.49 -13.93
N VAL B 88 8.56 29.40 -13.19
CA VAL B 88 7.78 28.23 -13.63
C VAL B 88 6.31 28.28 -13.18
N SER B 89 5.44 27.62 -13.93
CA SER B 89 4.00 27.61 -13.62
C SER B 89 3.42 26.25 -13.19
N LEU B 90 2.75 26.23 -12.04
CA LEU B 90 2.13 25.02 -11.50
C LEU B 90 0.63 25.02 -11.78
N ASN B 91 0.13 23.93 -12.37
CA ASN B 91 -1.29 23.81 -12.67
C ASN B 91 -1.85 22.46 -12.25
N ILE B 92 -2.80 22.50 -11.32
CA ILE B 92 -3.43 21.30 -10.82
C ILE B 92 -4.92 21.30 -11.13
N THR B 93 -5.43 20.16 -11.58
CA THR B 93 -6.85 19.97 -11.90
C THR B 93 -7.33 18.64 -11.31
N SER B 94 -8.38 18.68 -10.50
CA SER B 94 -8.84 17.45 -9.91
C SER B 94 -10.34 17.33 -9.75
N ILE B 95 -10.76 16.10 -9.44
CA ILE B 95 -12.15 15.76 -9.22
C ILE B 95 -12.16 14.65 -8.20
N SER B 96 -12.79 14.90 -7.05
CA SER B 96 -12.85 13.92 -5.99
C SER B 96 -14.27 13.67 -5.48
N GLY B 97 -14.63 12.41 -5.31
CA GLY B 97 -15.94 12.06 -4.81
C GLY B 97 -15.84 11.45 -3.43
N PHE B 98 -16.57 11.99 -2.47
CA PHE B 98 -16.55 11.49 -1.10
C PHE B 98 -17.89 10.92 -0.63
N LEU B 99 -17.87 9.71 -0.11
CA LEU B 99 -19.09 9.04 0.36
C LEU B 99 -19.26 9.17 1.87
N ASN B 100 -20.50 9.22 2.34
CA ASN B 100 -20.72 9.33 3.78
C ASN B 100 -20.76 7.94 4.40
N SER B 101 -20.90 7.88 5.72
CA SER B 101 -20.91 6.61 6.44
C SER B 101 -22.15 5.73 6.27
N SER B 102 -23.03 6.07 5.34
CA SER B 102 -24.21 5.25 5.13
C SER B 102 -23.79 4.15 4.17
N THR B 103 -22.55 4.27 3.69
CA THR B 103 -21.98 3.33 2.73
C THR B 103 -20.55 2.97 3.12
N LYS B 104 -20.06 1.81 2.69
CA LYS B 104 -18.70 1.41 3.02
C LYS B 104 -17.77 1.53 1.81
N ALA B 105 -18.37 1.52 0.62
CA ALA B 105 -17.65 1.59 -0.65
C ALA B 105 -16.59 2.68 -0.79
N PRO B 106 -15.53 2.40 -1.55
CA PRO B 106 -14.43 3.33 -1.78
C PRO B 106 -14.82 4.68 -2.37
N ASN B 107 -13.92 5.66 -2.20
CA ASN B 107 -14.12 6.99 -2.73
C ASN B 107 -13.60 7.06 -4.16
N PHE B 108 -13.44 8.28 -4.69
CA PHE B 108 -12.97 8.49 -6.06
C PHE B 108 -12.05 9.70 -6.19
N VAL B 109 -10.98 9.56 -6.96
CA VAL B 109 -10.07 10.68 -7.13
C VAL B 109 -9.27 10.61 -8.42
N VAL B 110 -9.16 11.74 -9.10
CA VAL B 110 -8.39 11.87 -10.32
C VAL B 110 -7.71 13.22 -10.21
N GLU B 111 -6.43 13.25 -10.52
CA GLU B 111 -5.66 14.48 -10.46
C GLU B 111 -4.51 14.50 -11.44
N LEU B 112 -4.40 15.61 -12.14
CA LEU B 112 -3.31 15.85 -13.08
C LEU B 112 -2.50 16.91 -12.36
N ILE B 113 -1.21 16.65 -12.18
CA ILE B 113 -0.35 17.60 -11.50
C ILE B 113 0.92 17.84 -12.31
N GLN B 114 1.13 19.11 -12.68
CA GLN B 114 2.26 19.47 -13.52
C GLN B 114 2.97 20.71 -13.03
N SER B 115 4.17 20.52 -12.49
CA SER B 115 4.96 21.63 -11.99
C SER B 115 5.88 22.17 -13.10
N SER B 116 6.57 21.25 -13.76
CA SER B 116 7.51 21.59 -14.83
C SER B 116 6.97 21.20 -16.21
N SER B 119 7.43 17.10 -17.20
CA SER B 119 6.49 15.94 -17.07
C SER B 119 5.13 16.30 -16.45
N LEU B 120 4.32 15.28 -16.18
CA LEU B 120 2.99 15.44 -15.60
C LEU B 120 2.65 14.27 -14.67
N VAL B 121 2.21 14.56 -13.46
CA VAL B 121 1.85 13.52 -12.52
C VAL B 121 0.34 13.26 -12.48
N LEU B 122 -0.02 11.99 -12.61
CA LEU B 122 -1.40 11.57 -12.59
C LEU B 122 -1.73 10.75 -11.33
N ILE B 123 -2.93 10.97 -10.80
CA ILE B 123 -3.44 10.23 -9.65
C ILE B 123 -4.84 9.82 -10.04
N LEU B 124 -5.07 8.52 -10.12
CA LEU B 124 -6.39 8.00 -10.47
C LEU B 124 -6.62 6.82 -9.55
N ASP B 125 -7.70 6.85 -8.78
CA ASP B 125 -7.94 5.78 -7.85
C ASP B 125 -9.28 5.84 -7.13
N LEU B 126 -9.64 4.69 -6.59
CA LEU B 126 -10.84 4.53 -5.81
C LEU B 126 -10.29 4.18 -4.43
N PRO B 127 -10.04 5.22 -3.62
CA PRO B 127 -9.49 5.13 -2.26
C PRO B 127 -10.34 4.29 -1.33
N HIS B 128 -9.77 3.16 -0.87
CA HIS B 128 -10.46 2.25 0.04
C HIS B 128 -10.83 2.94 1.36
N ARG B 129 -11.96 2.55 1.94
CA ARG B 129 -12.40 3.16 3.19
C ARG B 129 -12.42 2.23 4.40
N LYS B 130 -11.81 1.07 4.27
CA LYS B 130 -11.70 0.12 5.39
C LYS B 130 -10.34 -0.54 5.28
N ASP B 131 -9.80 -0.94 6.42
CA ASP B 131 -8.50 -1.61 6.43
C ASP B 131 -8.63 -2.87 5.58
N LEU B 132 -7.80 -3.00 4.55
CA LEU B 132 -7.86 -4.14 3.66
C LEU B 132 -7.29 -5.44 4.20
N VAL B 133 -6.46 -5.35 5.23
CA VAL B 133 -5.87 -6.53 5.85
C VAL B 133 -6.87 -7.17 6.81
N LEU B 134 -7.66 -6.34 7.47
CA LEU B 134 -8.67 -6.83 8.39
C LEU B 134 -9.89 -7.27 7.58
N ASN B 135 -10.17 -6.56 6.49
CA ASN B 135 -11.32 -6.85 5.67
C ASN B 135 -10.96 -7.39 4.29
N PRO B 136 -10.50 -8.64 4.22
CA PRO B 136 -10.12 -9.30 2.97
C PRO B 136 -11.25 -9.40 1.97
N ASP B 137 -12.47 -9.33 2.45
CA ASP B 137 -13.62 -9.42 1.56
C ASP B 137 -13.87 -8.09 0.85
N TYR B 138 -13.65 -6.98 1.53
CA TYR B 138 -13.83 -5.66 0.95
C TYR B 138 -12.83 -5.55 -0.21
N LEU B 139 -11.66 -6.14 0.01
CA LEU B 139 -10.63 -6.13 -1.03
C LEU B 139 -11.15 -6.92 -2.23
N LYS B 140 -11.69 -8.11 -1.97
CA LYS B 140 -12.22 -8.96 -3.03
C LYS B 140 -13.36 -8.27 -3.78
N GLU B 141 -14.26 -7.63 -3.03
CA GLU B 141 -15.42 -6.96 -3.60
C GLU B 141 -15.18 -5.75 -4.50
N TYR B 142 -14.39 -4.80 -4.03
CA TYR B 142 -14.16 -3.59 -4.79
C TYR B 142 -12.92 -3.48 -5.68
N TYR B 143 -11.99 -4.45 -5.60
CA TYR B 143 -10.78 -4.36 -6.40
C TYR B 143 -10.42 -5.61 -7.21
N GLN B 144 -10.47 -6.79 -6.58
CA GLN B 144 -10.14 -8.01 -7.30
C GLN B 144 -11.19 -8.19 -8.38
N ASP B 145 -12.45 -8.28 -7.99
CA ASP B 145 -13.56 -8.47 -8.92
C ASP B 145 -13.56 -7.51 -10.11
N THR B 146 -13.43 -6.21 -9.84
CA THR B 146 -13.40 -5.23 -10.93
C THR B 146 -12.07 -5.42 -11.66
N ALA B 147 -11.71 -4.46 -12.50
CA ALA B 147 -10.46 -4.56 -13.25
C ALA B 147 -9.60 -3.31 -13.09
N LEU B 148 -9.70 -2.68 -11.92
CA LEU B 148 -8.95 -1.46 -11.65
C LEU B 148 -7.46 -1.57 -11.92
N ASP B 149 -6.89 -2.73 -11.66
CA ASP B 149 -5.47 -2.95 -11.87
C ASP B 149 -5.07 -2.88 -13.34
N SER B 150 -5.97 -3.31 -14.23
CA SER B 150 -5.70 -3.29 -15.67
C SER B 150 -5.35 -1.89 -16.17
N HIS B 151 -6.09 -0.89 -15.72
CA HIS B 151 -5.84 0.50 -16.12
C HIS B 151 -4.45 0.96 -15.71
N ARG B 152 -4.03 0.55 -14.51
CA ARG B 152 -2.71 0.92 -14.02
C ARG B 152 -1.63 0.30 -14.88
N GLN B 153 -1.69 -1.03 -15.01
CA GLN B 153 -0.73 -1.77 -15.81
C GLN B 153 -0.70 -1.29 -17.25
N SER B 154 -1.87 -1.08 -17.83
CA SER B 154 -1.97 -0.61 -19.22
C SER B 154 -1.17 0.67 -19.43
N LEU B 155 -1.37 1.63 -18.55
CA LEU B 155 -0.65 2.90 -18.62
C LEU B 155 0.85 2.72 -18.42
N LEU B 156 1.22 1.67 -17.68
CA LEU B 156 2.63 1.40 -17.39
C LEU B 156 3.43 1.06 -18.63
N LYS B 157 2.85 0.24 -19.49
CA LYS B 157 3.52 -0.19 -20.71
C LYS B 157 4.13 1.00 -21.43
N LEU B 158 3.37 2.08 -21.56
CA LEU B 158 3.88 3.27 -22.22
C LEU B 158 5.30 3.64 -21.76
N PRO B 159 6.24 3.75 -22.70
CA PRO B 159 7.64 4.08 -22.40
C PRO B 159 7.83 5.34 -21.55
N GLU B 160 7.21 6.44 -21.96
CA GLU B 160 7.33 7.70 -21.24
C GLU B 160 6.46 7.74 -19.96
N VAL B 161 6.02 6.56 -19.51
CA VAL B 161 5.21 6.45 -18.30
C VAL B 161 5.84 5.49 -17.28
N ASN B 162 6.11 6.01 -16.09
CA ASN B 162 6.69 5.20 -15.02
C ASN B 162 5.90 5.39 -13.72
N PRO B 163 6.14 4.52 -12.71
CA PRO B 163 5.43 4.62 -11.43
C PRO B 163 5.88 5.85 -10.65
N TYR B 164 4.93 6.55 -10.07
CA TYR B 164 5.23 7.74 -9.28
C TYR B 164 5.08 7.47 -7.79
N VAL B 165 6.17 7.52 -7.03
CA VAL B 165 6.05 7.28 -5.61
C VAL B 165 6.26 8.57 -4.85
N SER B 166 5.23 8.94 -4.10
CA SER B 166 5.21 10.16 -3.33
C SER B 166 6.20 10.26 -2.20
N PRO B 167 6.57 11.50 -1.87
CA PRO B 167 7.52 11.71 -0.78
C PRO B 167 6.80 11.51 0.55
N SER B 168 5.48 11.67 0.51
CA SER B 168 4.62 11.51 1.69
C SER B 168 4.17 10.06 1.87
N LEU B 169 4.53 9.47 3.01
CA LEU B 169 4.18 8.09 3.34
C LEU B 169 2.68 7.92 3.51
N PHE B 170 2.03 8.99 3.94
CA PHE B 170 0.59 8.98 4.13
C PHE B 170 -0.04 8.79 2.76
N VAL B 171 0.27 9.70 1.86
CA VAL B 171 -0.26 9.58 0.52
C VAL B 171 -0.13 8.12 0.07
N ARG B 172 1.07 7.55 0.20
CA ARG B 172 1.30 6.17 -0.23
C ARG B 172 0.37 5.16 0.40
N SER B 173 -0.02 5.37 1.65
CA SER B 173 -0.91 4.44 2.33
C SER B 173 -2.41 4.75 2.19
N ALA B 174 -2.75 5.99 1.86
CA ALA B 174 -4.15 6.36 1.71
C ALA B 174 -4.75 5.87 0.39
N PHE B 175 -3.89 5.45 -0.54
CA PHE B 175 -4.37 4.95 -1.84
C PHE B 175 -4.47 3.44 -1.92
N SER B 176 -5.45 2.97 -2.68
CA SER B 176 -5.66 1.55 -2.84
C SER B 176 -4.52 0.85 -3.61
N PRO B 177 -4.48 -0.49 -3.53
CA PRO B 177 -3.47 -1.30 -4.21
C PRO B 177 -3.50 -1.19 -5.73
N THR B 178 -4.65 -0.80 -6.25
CA THR B 178 -4.85 -0.69 -7.70
C THR B 178 -4.73 0.74 -8.23
N ALA B 179 -4.58 1.67 -7.31
CA ALA B 179 -4.44 3.09 -7.62
C ALA B 179 -3.37 3.32 -8.67
N SER B 180 -3.64 4.26 -9.59
CA SER B 180 -2.67 4.60 -10.61
C SER B 180 -1.95 5.88 -10.17
N MET B 181 -0.68 5.74 -9.78
CA MET B 181 0.15 6.87 -9.35
C MET B 181 1.24 6.97 -10.42
N LEU B 182 1.02 7.82 -11.42
CA LEU B 182 1.97 7.89 -12.50
C LEU B 182 2.62 9.21 -12.89
N LYS B 183 3.87 9.10 -13.29
CA LYS B 183 4.66 10.23 -13.74
C LYS B 183 4.92 10.02 -15.23
N ILE B 184 4.29 10.85 -16.05
CA ILE B 184 4.44 10.76 -17.48
C ILE B 184 5.52 11.77 -17.89
N ASP B 185 6.70 11.30 -18.25
CA ASP B 185 7.79 12.20 -18.64
C ASP B 185 7.69 12.71 -20.06
N ALA B 186 8.04 14.00 -20.21
CA ALA B 186 8.00 14.76 -21.45
C ALA B 186 6.84 15.76 -21.33
N GLU B 188 7.32 17.88 -24.11
CA GLU B 188 7.27 17.56 -25.56
C GLU B 188 5.84 17.37 -26.04
N GLU B 189 4.96 18.31 -25.70
CA GLU B 189 3.55 18.26 -26.08
C GLU B 189 3.27 17.06 -26.98
N ASP B 190 3.10 17.33 -28.27
CA ASP B 190 2.85 16.30 -29.26
C ASP B 190 2.21 15.00 -28.72
N LYS B 191 3.05 14.04 -28.33
CA LYS B 191 2.57 12.76 -27.83
C LYS B 191 1.89 12.81 -26.46
N LEU B 192 2.35 13.69 -25.58
CA LEU B 192 1.75 13.82 -24.27
C LEU B 192 0.23 13.90 -24.40
N GLU B 193 -0.25 14.89 -25.16
CA GLU B 193 -1.69 15.07 -25.36
C GLU B 193 -2.31 13.81 -25.96
N GLU B 194 -1.51 13.08 -26.74
CA GLU B 194 -1.98 11.84 -27.36
C GLU B 194 -2.22 10.82 -26.26
N ILE B 195 -1.28 10.80 -25.32
CA ILE B 195 -1.34 9.90 -24.17
C ILE B 195 -2.63 10.15 -23.40
N LEU B 196 -2.87 11.44 -23.12
CA LEU B 196 -4.04 11.85 -22.39
C LEU B 196 -5.33 11.43 -23.08
N ARG B 197 -5.44 11.79 -24.36
CA ARG B 197 -6.65 11.48 -25.13
C ARG B 197 -6.86 10.01 -25.50
N ASP B 198 -5.77 9.30 -25.79
CA ASP B 198 -5.87 7.91 -26.16
C ASP B 198 -5.84 6.89 -25.02
N HIS B 199 -5.19 7.23 -23.91
CA HIS B 199 -5.08 6.30 -22.77
C HIS B 199 -5.63 6.82 -21.44
N VAL B 200 -5.04 7.90 -20.93
CA VAL B 200 -5.46 8.49 -19.66
C VAL B 200 -6.97 8.67 -19.57
N SER B 201 -7.52 9.45 -20.49
CA SER B 201 -8.96 9.73 -20.52
C SER B 201 -9.77 8.47 -20.53
N PRO B 202 -9.44 7.53 -21.42
CA PRO B 202 -10.18 6.26 -21.49
C PRO B 202 -10.17 5.59 -20.13
N ALA B 203 -8.97 5.57 -19.52
CA ALA B 203 -8.75 4.95 -18.21
C ALA B 203 -9.53 5.68 -17.12
N ALA B 204 -9.34 6.99 -17.06
CA ALA B 204 -10.00 7.84 -16.08
C ALA B 204 -11.51 7.72 -16.17
N LYS B 205 -12.04 7.66 -17.38
CA LYS B 205 -13.49 7.57 -17.56
C LYS B 205 -13.97 6.20 -17.13
N GLU B 206 -13.17 5.18 -17.41
CA GLU B 206 -13.52 3.80 -17.05
C GLU B 206 -13.56 3.64 -15.54
N VAL B 207 -12.57 4.24 -14.88
CA VAL B 207 -12.48 4.17 -13.43
C VAL B 207 -13.70 4.85 -12.83
N LEU B 208 -13.97 6.08 -13.26
CA LEU B 208 -15.11 6.83 -12.74
C LEU B 208 -16.37 6.02 -12.99
N GLU B 209 -16.39 5.33 -14.11
CA GLU B 209 -17.51 4.49 -14.46
C GLU B 209 -17.78 3.47 -13.34
N VAL B 210 -16.73 2.74 -12.94
CA VAL B 210 -16.88 1.73 -11.90
C VAL B 210 -17.32 2.32 -10.56
N TRP B 211 -16.86 3.55 -10.26
CA TRP B 211 -17.24 4.19 -9.01
C TRP B 211 -18.75 4.42 -8.99
N LEU B 212 -19.26 4.96 -10.10
CA LEU B 212 -20.68 5.26 -10.24
C LEU B 212 -21.60 4.04 -10.20
N GLU B 213 -21.36 3.08 -11.10
CA GLU B 213 -22.20 1.90 -11.19
C GLU B 213 -22.07 0.85 -10.09
N ARG B 214 -20.97 0.86 -9.34
CA ARG B 214 -20.75 -0.13 -8.29
C ARG B 214 -20.52 0.39 -6.87
N CYS B 215 -20.24 1.68 -6.74
CA CYS B 215 -20.01 2.22 -5.40
C CYS B 215 -21.10 3.20 -4.99
N VAL B 216 -21.57 4.00 -5.95
CA VAL B 216 -22.62 4.98 -5.68
C VAL B 216 -23.99 4.35 -5.91
N LYS B 217 -24.23 3.87 -7.12
CA LYS B 217 -25.51 3.24 -7.44
C LYS B 217 -25.63 1.97 -6.61
N GLU B 218 -26.82 1.74 -6.06
CA GLU B 218 -27.06 0.54 -5.27
C GLU B 218 -28.46 0.53 -4.67
N GLU B 219 -28.90 -0.66 -4.25
CA GLU B 219 -30.20 -0.82 -3.64
C GLU B 219 -30.09 -1.91 -2.57
N GLU B 220 -28.89 -2.06 -2.02
CA GLU B 220 -28.62 -3.04 -0.99
C GLU B 220 -27.76 -2.46 0.14
N GLU B 221 -28.33 -2.46 1.35
CA GLU B 221 -27.65 -1.94 2.53
C GLU B 221 -28.61 -1.86 3.73
N LYS B 222 -29.72 -2.60 3.65
CA LYS B 222 -30.73 -2.59 4.72
C LYS B 222 -30.15 -2.94 6.09
N ILE B 223 -30.39 -2.04 7.05
CA ILE B 223 -29.93 -2.20 8.43
C ILE B 223 -28.40 -2.31 8.54
N VAL B 224 -27.76 -2.65 7.42
CA VAL B 224 -26.30 -2.81 7.37
C VAL B 224 -25.59 -1.59 7.95
N VAL B 225 -24.29 -1.73 8.17
CA VAL B 225 -23.50 -0.65 8.73
C VAL B 225 -24.12 -0.18 10.04
N GLY B 226 -23.80 -0.88 11.13
CA GLY B 226 -24.33 -0.53 12.43
C GLY B 226 -23.46 0.45 13.18
N GLU B 227 -24.06 1.15 14.14
CA GLU B 227 -23.36 2.15 14.96
C GLU B 227 -21.84 1.98 15.00
N GLU B 228 -21.38 0.80 15.39
CA GLU B 228 -19.93 0.54 15.48
C GLU B 228 -19.21 0.66 14.14
N GLU B 229 -19.56 -0.20 13.19
CA GLU B 229 -18.91 -0.14 11.88
C GLU B 229 -19.00 1.27 11.29
N ARG B 230 -20.16 1.90 11.48
CA ARG B 230 -20.39 3.24 10.97
C ARG B 230 -19.46 4.25 11.63
N MET B 231 -19.36 4.22 12.95
CA MET B 231 -18.50 5.17 13.64
C MET B 231 -17.07 4.93 13.21
N GLU B 232 -16.77 3.67 12.87
CA GLU B 232 -15.45 3.29 12.43
C GLU B 232 -15.12 4.16 11.21
N LEU B 233 -16.03 4.16 10.25
CA LEU B 233 -15.87 4.93 9.01
C LEU B 233 -15.70 6.42 9.25
N GLU B 234 -16.55 6.98 10.10
CA GLU B 234 -16.49 8.41 10.36
C GLU B 234 -15.18 8.85 10.99
N ARG B 235 -14.56 7.94 11.74
CA ARG B 235 -13.30 8.25 12.38
C ARG B 235 -12.19 8.18 11.34
N ARG B 236 -12.18 7.12 10.54
CA ARG B 236 -11.18 6.94 9.50
C ARG B 236 -11.29 8.04 8.42
N ASP B 237 -12.52 8.33 7.99
CA ASP B 237 -12.73 9.35 6.98
C ASP B 237 -12.28 10.68 7.53
N LYS B 238 -12.62 10.93 8.79
CA LYS B 238 -12.24 12.17 9.43
C LYS B 238 -10.71 12.28 9.46
N SER B 239 -10.05 11.22 9.92
CA SER B 239 -8.59 11.19 10.03
C SER B 239 -7.92 11.50 8.71
N PHE B 240 -8.39 10.83 7.67
CA PHE B 240 -7.88 11.00 6.32
C PHE B 240 -8.07 12.44 5.84
N ARG B 241 -9.31 12.90 5.88
CA ARG B 241 -9.65 14.25 5.43
C ARG B 241 -8.82 15.33 6.11
N ARG B 242 -8.62 15.19 7.41
CA ARG B 242 -7.85 16.16 8.17
C ARG B 242 -6.38 16.14 7.76
N LYS B 243 -5.78 14.96 7.80
CA LYS B 243 -4.39 14.85 7.43
C LYS B 243 -4.18 15.51 6.07
N SER B 244 -4.88 14.99 5.06
CA SER B 244 -4.73 15.53 3.71
C SER B 244 -4.92 17.04 3.60
N ILE B 245 -5.78 17.64 4.42
CA ILE B 245 -5.97 19.09 4.32
C ILE B 245 -4.83 19.85 4.98
N GLU B 246 -4.26 19.25 6.02
CA GLU B 246 -3.15 19.85 6.76
C GLU B 246 -1.83 19.74 6.00
N ASP B 247 -1.78 18.80 5.07
CA ASP B 247 -0.56 18.58 4.30
C ASP B 247 -0.58 19.25 2.93
N ASP B 248 -1.77 19.39 2.35
CA ASP B 248 -1.89 20.00 1.04
C ASP B 248 -2.34 21.45 1.06
N LEU B 249 -3.11 21.82 2.08
CA LEU B 249 -3.64 23.17 2.19
C LEU B 249 -2.97 24.03 3.25
N ASP B 250 -3.10 23.61 4.50
CA ASP B 250 -2.55 24.36 5.64
C ASP B 250 -1.19 25.01 5.45
N LEU B 251 -0.27 24.34 4.76
CA LEU B 251 1.03 24.94 4.59
C LEU B 251 1.41 25.19 3.14
N GLN B 252 0.41 25.26 2.27
CA GLN B 252 0.64 25.52 0.85
C GLN B 252 -0.25 26.65 0.34
N PHE B 253 -1.36 26.89 1.04
CA PHE B 253 -2.29 27.94 0.64
C PHE B 253 -1.94 29.33 1.13
N PRO B 254 -1.54 29.47 2.41
CA PRO B 254 -1.21 30.83 2.89
C PRO B 254 -0.16 31.43 1.94
N ARG B 255 0.62 30.53 1.34
CA ARG B 255 1.68 30.89 0.41
C ARG B 255 1.17 31.35 -0.95
N MET B 256 0.40 30.49 -1.61
CA MET B 256 -0.14 30.76 -2.95
C MET B 256 -1.15 31.90 -3.10
N PHE B 257 -1.93 32.19 -2.07
CA PHE B 257 -2.93 33.25 -2.17
C PHE B 257 -2.95 34.23 -0.99
N GLY B 258 -1.93 34.18 -0.14
CA GLY B 258 -1.89 35.08 0.99
C GLY B 258 -2.84 34.68 2.10
N GLU B 259 -2.47 35.05 3.32
CA GLU B 259 -3.21 34.76 4.54
C GLU B 259 -4.69 35.09 4.47
N GLU B 260 -5.01 36.27 3.95
CA GLU B 260 -6.39 36.74 3.80
C GLU B 260 -7.28 35.68 3.15
N VAL B 261 -6.94 35.30 1.93
CA VAL B 261 -7.69 34.31 1.17
C VAL B 261 -7.73 32.94 1.83
N SER B 262 -6.61 32.24 1.77
CA SER B 262 -6.50 30.91 2.34
C SER B 262 -7.48 30.67 3.50
N SER B 263 -7.22 31.35 4.62
CA SER B 263 -8.06 31.19 5.80
C SER B 263 -9.54 31.07 5.46
N ARG B 264 -10.04 31.92 4.56
CA ARG B 264 -11.47 31.84 4.21
C ARG B 264 -11.78 30.68 3.28
N VAL B 265 -10.85 30.38 2.37
CA VAL B 265 -11.03 29.27 1.44
C VAL B 265 -10.83 27.97 2.17
N VAL B 266 -9.83 27.93 3.05
CA VAL B 266 -9.55 26.74 3.82
C VAL B 266 -10.65 26.57 4.88
N HIS B 267 -11.30 27.66 5.25
CA HIS B 267 -12.39 27.60 6.22
C HIS B 267 -13.55 26.87 5.55
N ALA B 268 -13.88 27.32 4.33
CA ALA B 268 -14.95 26.73 3.56
C ALA B 268 -14.69 25.24 3.38
N ILE B 269 -13.52 24.92 2.84
CA ILE B 269 -13.13 23.53 2.62
C ILE B 269 -13.24 22.71 3.89
N LYS B 270 -12.49 23.07 4.92
CA LYS B 270 -12.55 22.31 6.18
C LYS B 270 -13.99 22.09 6.63
N GLU B 271 -14.88 23.02 6.26
CA GLU B 271 -16.28 22.92 6.61
C GLU B 271 -16.97 21.93 5.68
N ALA B 272 -16.66 22.03 4.40
CA ALA B 272 -17.22 21.13 3.40
C ALA B 272 -16.85 19.70 3.74
N PHE B 273 -15.65 19.54 4.29
CA PHE B 273 -15.08 18.25 4.66
C PHE B 273 -15.46 17.77 6.05
N GLY B 274 -16.22 18.60 6.77
CA GLY B 274 -16.62 18.24 8.12
C GLY B 274 -15.45 18.10 9.07
N VAL B 275 -14.50 19.04 9.03
CA VAL B 275 -13.33 19.00 9.91
C VAL B 275 -12.98 20.38 10.51
NA RCC C . 4.75 -14.63 0.08
NB RCC C . 5.20 -14.59 2.93
OB RCC C . 5.85 -15.94 4.68
NC RCC C . 4.20 -18.23 3.16
OC RCC C . 1.81 -17.16 5.66
ND RCC C . 5.52 -17.51 0.56
C1A RCC C . 4.63 -14.99 -1.29
O1A RCC C . 4.09 -13.42 -5.80
C1B RCC C . 4.80 -13.26 2.72
C1C RCC C . 3.59 -18.10 4.40
C1D RCC C . 5.87 -18.85 0.79
O1D RCC C . 6.57 -15.39 -3.89
C2A RCC C . 4.20 -13.77 -2.11
O2A RCC C . 4.33 -11.50 -4.75
C2B RCC C . 4.81 -12.59 4.08
C2C RCC C . 4.35 -18.86 5.35
C2D RCC C . 5.84 -19.56 -0.44
O2D RCC C . 5.62 -16.81 -5.40
C3A RCC C . 4.09 -12.64 -1.05
C3B RCC C . 5.22 -13.54 5.03
C3C RCC C . 5.44 -19.46 4.62
C3D RCC C . 5.45 -18.62 -1.44
C4A RCC C . 4.46 -13.36 0.25
C4B RCC C . 5.47 -14.83 4.28
C4C RCC C . 5.32 -19.04 3.27
C4D RCC C . 5.27 -17.36 -0.78
CAA RCC C . 2.88 -13.96 -2.87
CAB RCC C . 5.40 -13.44 6.49
CAC RCC C . 6.50 -20.34 5.19
CAD RCC C . 5.19 -18.47 -2.86
CBA RCC C . 2.55 -12.90 -3.92
CBB RCC C . 5.22 -12.35 7.28
CBC RCC C . 7.75 -19.59 5.60
CBD RCC C . 4.81 -16.96 -3.08
OBD RCC C . 5.24 -19.30 -3.77
CED RCC C . 6.45 -16.26 -6.45
CGA RCC C . 3.68 -12.68 -4.91
CGD RCC C . 5.75 -16.30 -4.11
CHA RCC C . 4.88 -16.29 -1.69
CHB RCC C . 4.47 -12.67 1.53
CHC RCC C . 2.38 -17.30 4.59
CHD RCC C . 6.21 -19.40 2.12
CMA RCC C . 5.05 -11.51 -1.37
CMB RCC C . 4.43 -11.19 4.24
CMC RCC C . 4.08 -19.01 6.78
CMD RCC C . 6.12 -20.99 -0.63
NA NA D . 16.69 0.48 -10.83
NA RCC E . -2.50 16.35 -3.51
NB RCC E . -5.37 15.74 -3.22
OB RCC E . -7.48 16.72 -3.21
NC RCC E . -5.89 19.22 -1.92
OC RCC E . -7.62 17.46 0.76
ND RCC E . -3.61 19.14 -3.83
C1A RCC E . -1.20 16.95 -3.68
O1A RCC E . 2.61 13.66 -3.63
C1B RCC E . -4.81 14.46 -3.05
C1C RCC E . -6.94 18.80 -1.10
C1D RCC E . -4.11 20.45 -3.95
O1D RCC E . 0.60 18.45 -6.32
C2A RCC E . -0.12 15.88 -3.62
O2A RCC E . 3.87 14.46 -1.99
C2B RCC E . -5.98 13.51 -2.78
C2C RCC E . -8.14 19.44 -1.55
C2D RCC E . -3.04 21.37 -4.09
O2D RCC E . 2.35 19.13 -5.06
C3A RCC E . -0.91 14.56 -3.40
C3B RCC E . -7.16 14.26 -2.81
C3C RCC E . -7.78 20.26 -2.68
C3D RCC E . -1.85 20.59 -4.06
C4A RCC E . -2.37 15.05 -3.35
C4B RCC E . -6.78 15.70 -3.09
C4C RCC E . -6.39 20.10 -2.89
C4D RCC E . -2.24 19.23 -3.90
CAA RCC E . 0.92 16.09 -2.52
CAB RCC E . -8.56 13.84 -2.60
CAC RCC E . -8.71 21.10 -3.47
CAD RCC E . -0.40 20.69 -4.14
CBA RCC E . 2.36 16.04 -3.00
CBB RCC E . -9.06 12.61 -2.33
CBC RCC E . -8.72 22.54 -3.01
CBD RCC E . 0.15 19.23 -4.01
OBD RCC E . 0.33 21.67 -4.27
CED RCC E . 3.26 18.86 -6.13
CGA RCC E . 2.90 14.65 -2.94
CGD RCC E . 1.00 18.89 -5.23
CHA RCC E . -1.09 18.32 -3.85
CHB RCC E . -3.48 14.12 -3.11
CHC RCC E . -6.73 17.87 0.01
CHD RCC E . -5.57 20.76 -3.94
CMA RCC E . -0.68 13.61 -4.55
CMB RCC E . -5.74 12.09 -2.54
CMC RCC E . -9.48 19.29 -0.98
CMD RCC E . -3.14 22.83 -4.24
NA NA F . 6.92 2.03 -19.22
#